data_6VRV
#
_entry.id   6VRV
#
_cell.length_a   98.804
_cell.length_b   98.804
_cell.length_c   81.187
_cell.angle_alpha   90.000
_cell.angle_beta   90.000
_cell.angle_gamma   120.000
#
_symmetry.space_group_name_H-M   'P 65'
#
loop_
_entity.id
_entity.type
_entity.pdbx_description
1 polymer 'Serine/threonine-protein kinase pim-1'
2 non-polymer 4-chloro-1-{(1S)-1-[(3S)-3-fluoropyrrolidin-3-yl]ethyl}-3-methyl-1H-pyrrolo[2,3-b]pyridine-6-carboxamide
3 non-polymer GLYCEROL
4 water water
#
_entity_poly.entity_id   1
_entity_poly.type   'polypeptide(L)'
_entity_poly.pdbx_seq_one_letter_code
;PLESQYQVGPLLGSGGFGSVYSGIRVSDNLPVAIKHVEKDRISDWGELPNGTRVPMEVVLLKKVSSGFSGVIRLLDWFER
PDSFVLILERPEPVQDLFDFITERGALQEELARSFFWQVLEAVRHCHNCGVLHRDIKDENILIDLNRGELKLIDFGSGAL
LKDTVYTDFDGTRVYSPPEWIRYHRYHGRSAAVWSLGILLYDMVCGDIPFEHDEEIIRGQVFFRQRVSSECQHLIRWCLA
LRPSDRPTFEEIQNHPWMQDVLLPQETAEIHLHS
;
_entity_poly.pdbx_strand_id   A
#
loop_
_chem_comp.id
_chem_comp.type
_chem_comp.name
_chem_comp.formula
GOL non-polymer GLYCEROL 'C3 H8 O3'
WFY non-polymer 4-chloro-1-{(1S)-1-[(3S)-3-fluoropyrrolidin-3-yl]ethyl}-3-methyl-1H-pyrrolo[2,3-b]pyridine-6-carboxamide 'C15 H18 Cl F N4 O'
#
# COMPACT_ATOMS: atom_id res chain seq x y z
N GLU A 3 -2.35 -12.54 26.68
CA GLU A 3 -2.25 -13.70 25.73
C GLU A 3 -1.04 -14.57 26.04
N SER A 4 -1.20 -15.88 25.85
CA SER A 4 -0.09 -16.78 26.06
C SER A 4 0.44 -17.37 24.75
N GLN A 5 -0.26 -17.14 23.64
CA GLN A 5 0.28 -17.48 22.31
C GLN A 5 1.42 -16.56 21.78
N TYR A 6 1.49 -15.30 22.25
CA TYR A 6 2.44 -14.29 21.78
C TYR A 6 3.06 -13.52 22.89
N GLN A 7 4.34 -13.25 22.74
CA GLN A 7 5.01 -12.43 23.67
C GLN A 7 5.01 -11.02 23.08
N VAL A 8 4.51 -10.04 23.81
CA VAL A 8 4.38 -8.67 23.24
C VAL A 8 5.70 -7.94 23.49
N GLY A 9 6.20 -7.19 22.50
CA GLY A 9 7.38 -6.37 22.55
C GLY A 9 6.96 -4.91 22.47
N PRO A 10 7.85 -4.04 21.98
CA PRO A 10 7.62 -2.61 21.97
C PRO A 10 6.47 -2.23 21.06
N LEU A 11 5.86 -1.13 21.43
CA LEU A 11 4.94 -0.48 20.44
C LEU A 11 5.71 0.10 19.31
N LEU A 12 5.31 -0.26 18.07
CA LEU A 12 5.99 0.23 16.87
C LEU A 12 5.41 1.52 16.41
N GLY A 13 4.12 1.74 16.68
CA GLY A 13 3.50 3.02 16.26
C GLY A 13 2.00 2.96 16.44
N SER A 14 1.39 4.14 16.41
CA SER A 14 -0.07 4.19 16.49
C SER A 14 -0.61 5.36 15.67
N GLY A 15 -1.90 5.30 15.33
CA GLY A 15 -2.46 6.42 14.58
C GLY A 15 -3.80 6.00 14.10
N GLY A 16 -4.25 6.49 12.90
CA GLY A 16 -5.57 6.03 12.42
C GLY A 16 -5.74 4.56 12.15
N PHE A 17 -4.61 3.85 11.99
CA PHE A 17 -4.60 2.45 11.81
C PHE A 17 -4.74 1.68 13.11
N GLY A 18 -4.66 2.35 14.26
CA GLY A 18 -4.79 1.55 15.51
C GLY A 18 -3.44 1.62 16.25
N SER A 19 -3.18 0.62 17.11
CA SER A 19 -1.86 0.53 17.74
C SER A 19 -1.18 -0.74 17.32
N VAL A 20 0.10 -0.69 16.87
CA VAL A 20 0.78 -1.91 16.31
C VAL A 20 2.01 -2.21 17.14
N TYR A 21 2.08 -3.43 17.71
CA TYR A 21 3.22 -3.83 18.55
C TYR A 21 4.07 -4.86 17.88
N SER A 22 5.39 -4.92 18.21
CA SER A 22 6.22 -6.00 17.77
C SER A 22 5.90 -7.16 18.68
N GLY A 23 5.88 -8.40 18.20
CA GLY A 23 5.73 -9.56 19.11
C GLY A 23 6.38 -10.78 18.48
N ILE A 24 6.32 -11.89 19.22
CA ILE A 24 6.93 -13.10 18.76
C ILE A 24 5.89 -14.17 19.06
N ARG A 25 5.71 -15.08 18.11
CA ARG A 25 4.83 -16.24 18.38
C ARG A 25 5.62 -17.28 19.18
N VAL A 26 5.05 -17.66 20.28
CA VAL A 26 5.80 -18.42 21.34
C VAL A 26 6.13 -19.85 20.85
N SER A 27 5.23 -20.44 20.08
CA SER A 27 5.43 -21.81 19.61
C SER A 27 6.70 -21.95 18.77
N ASP A 28 6.99 -21.03 17.87
CA ASP A 28 8.16 -21.15 17.01
C ASP A 28 9.05 -19.90 16.86
N ASN A 29 8.88 -18.92 17.73
CA ASN A 29 9.64 -17.66 17.70
C ASN A 29 9.46 -16.82 16.44
N LEU A 30 8.37 -17.04 15.76
CA LEU A 30 8.21 -16.31 14.50
C LEU A 30 7.97 -14.82 14.85
N PRO A 31 8.64 -13.89 14.15
CA PRO A 31 8.35 -12.47 14.42
C PRO A 31 6.91 -12.14 13.88
N VAL A 32 6.13 -11.41 14.65
CA VAL A 32 4.80 -10.95 14.20
C VAL A 32 4.62 -9.48 14.59
N ALA A 33 3.57 -8.91 13.98
CA ALA A 33 3.16 -7.55 14.41
C ALA A 33 1.72 -7.75 14.96
N ILE A 34 1.39 -7.08 16.07
CA ILE A 34 0.11 -7.32 16.70
C ILE A 34 -0.65 -6.00 16.63
N LYS A 35 -1.74 -5.97 15.88
CA LYS A 35 -2.43 -4.71 15.58
C LYS A 35 -3.74 -4.67 16.34
N HIS A 36 -3.99 -3.63 17.15
CA HIS A 36 -5.25 -3.51 17.92
C HIS A 36 -6.05 -2.44 17.30
N VAL A 37 -7.31 -2.71 16.97
CA VAL A 37 -8.20 -1.67 16.32
C VAL A 37 -9.48 -1.53 17.20
N GLU A 38 -9.84 -0.31 17.55
CA GLU A 38 -11.03 -0.15 18.47
C GLU A 38 -12.32 -0.29 17.65
N LYS A 39 -13.27 -1.04 18.21
CA LYS A 39 -14.57 -1.28 17.53
C LYS A 39 -15.26 0.00 17.06
N ASP A 40 -15.27 1.04 17.89
CA ASP A 40 -15.83 2.33 17.42
C ASP A 40 -15.15 3.07 16.27
N ARG A 41 -13.93 2.72 15.91
CA ARG A 41 -13.27 3.41 14.82
C ARG A 41 -13.20 2.61 13.55
N ILE A 42 -13.84 1.45 13.50
CA ILE A 42 -13.80 0.67 12.28
C ILE A 42 -14.75 1.34 11.25
N SER A 43 -14.23 1.75 10.09
CA SER A 43 -15.14 2.37 9.10
C SER A 43 -16.16 1.33 8.57
N ASP A 44 -15.64 0.21 8.04
CA ASP A 44 -16.48 -0.85 7.46
C ASP A 44 -16.36 -2.21 8.10
N TRP A 45 -17.46 -2.94 8.06
CA TRP A 45 -17.56 -4.31 8.56
C TRP A 45 -17.91 -5.24 7.47
N GLY A 46 -17.32 -6.42 7.54
CA GLY A 46 -17.72 -7.49 6.67
C GLY A 46 -18.19 -8.65 7.50
N GLU A 47 -18.30 -9.77 6.83
CA GLU A 47 -18.86 -10.92 7.48
C GLU A 47 -18.05 -12.08 6.98
N LEU A 48 -17.72 -12.99 7.88
CA LEU A 48 -17.05 -14.23 7.48
C LEU A 48 -18.13 -15.23 7.00
N PRO A 49 -17.80 -16.10 6.01
CA PRO A 49 -18.73 -17.19 5.60
C PRO A 49 -19.08 -18.08 6.80
N ASN A 50 -20.02 -17.62 7.64
CA ASN A 50 -20.41 -18.30 8.88
C ASN A 50 -21.06 -17.35 9.90
N GLY A 51 -21.25 -16.08 9.52
CA GLY A 51 -21.99 -15.14 10.36
C GLY A 51 -21.19 -14.11 11.16
N THR A 52 -19.92 -14.38 11.40
CA THR A 52 -19.18 -13.50 12.31
C THR A 52 -18.90 -12.11 11.67
N ARG A 53 -19.37 -11.05 12.33
CA ARG A 53 -19.06 -9.67 11.89
C ARG A 53 -17.65 -9.28 12.33
N VAL A 54 -16.84 -8.91 11.34
CA VAL A 54 -15.40 -8.62 11.56
C VAL A 54 -15.07 -7.30 10.82
N PRO A 55 -14.00 -6.62 11.22
CA PRO A 55 -13.53 -5.49 10.42
C PRO A 55 -13.40 -6.00 8.97
N MET A 56 -13.76 -5.15 7.99
CA MET A 56 -13.44 -5.43 6.57
C MET A 56 -12.01 -5.84 6.34
N GLU A 57 -11.07 -5.19 7.06
CA GLU A 57 -9.74 -5.58 6.91
C GLU A 57 -9.42 -7.06 7.06
N VAL A 58 -10.12 -7.75 7.99
CA VAL A 58 -9.97 -9.16 8.16
C VAL A 58 -10.52 -9.94 6.91
N VAL A 59 -11.65 -9.52 6.38
CA VAL A 59 -12.23 -10.16 5.16
C VAL A 59 -11.26 -10.05 3.99
N LEU A 60 -10.77 -8.82 3.83
CA LEU A 60 -9.84 -8.55 2.69
C LEU A 60 -8.51 -9.30 2.80
N LEU A 61 -7.86 -9.34 4.00
CA LEU A 61 -6.62 -10.11 4.14
C LEU A 61 -6.80 -11.56 3.93
N LYS A 62 -7.95 -12.11 4.39
CA LYS A 62 -8.15 -13.55 4.04
C LYS A 62 -8.29 -13.80 2.56
N LYS A 63 -8.89 -12.86 1.83
CA LYS A 63 -9.03 -13.03 0.40
C LYS A 63 -7.73 -13.06 -0.38
N VAL A 64 -6.78 -12.31 0.14
CA VAL A 64 -5.51 -12.13 -0.59
C VAL A 64 -4.46 -13.22 -0.17
N SER A 65 -4.90 -14.29 0.57
CA SER A 65 -3.87 -15.23 1.09
C SER A 65 -3.41 -16.34 0.18
N SER A 66 -2.10 -16.52 0.18
CA SER A 66 -1.49 -17.44 -0.75
C SER A 66 0.03 -17.41 -0.51
N GLY A 67 0.74 -18.17 -1.32
CA GLY A 67 2.21 -18.21 -1.28
C GLY A 67 2.80 -16.84 -1.59
N PHE A 68 2.04 -16.00 -2.29
CA PHE A 68 2.62 -14.78 -2.83
C PHE A 68 2.98 -13.82 -1.73
N SER A 69 4.25 -13.46 -1.70
CA SER A 69 4.82 -12.77 -0.62
C SER A 69 4.54 -11.21 -0.67
N GLY A 70 3.84 -10.65 -1.72
CA GLY A 70 3.82 -9.15 -1.79
C GLY A 70 2.80 -8.41 -0.95
N VAL A 71 1.94 -9.20 -0.27
CA VAL A 71 1.00 -8.59 0.64
C VAL A 71 1.25 -9.19 2.03
N ILE A 72 1.19 -8.38 3.06
CA ILE A 72 1.38 -8.83 4.46
C ILE A 72 0.36 -9.99 4.69
N ARG A 73 0.83 -11.04 5.38
CA ARG A 73 -0.10 -12.13 5.65
C ARG A 73 -0.80 -11.93 7.01
N LEU A 74 -2.11 -12.19 7.05
CA LEU A 74 -2.84 -12.31 8.36
C LEU A 74 -2.62 -13.68 8.87
N LEU A 75 -2.07 -13.79 10.06
CA LEU A 75 -1.77 -15.16 10.65
C LEU A 75 -2.92 -15.59 11.55
N ASP A 76 -3.61 -14.66 12.21
CA ASP A 76 -4.68 -15.01 13.19
C ASP A 76 -5.33 -13.73 13.60
N TRP A 77 -6.49 -13.80 14.21
CA TRP A 77 -7.18 -12.58 14.71
C TRP A 77 -8.01 -12.97 15.92
N PHE A 78 -8.27 -12.02 16.82
CA PHE A 78 -9.00 -12.27 18.07
C PHE A 78 -9.98 -11.16 18.24
N GLU A 79 -11.11 -11.50 18.88
CA GLU A 79 -12.06 -10.48 19.20
C GLU A 79 -12.06 -10.26 20.71
N ARG A 80 -12.01 -9.01 21.13
CA ARG A 80 -12.16 -8.64 22.55
C ARG A 80 -13.43 -7.85 22.69
N PRO A 81 -13.81 -7.55 23.98
CA PRO A 81 -15.04 -6.79 24.11
C PRO A 81 -15.09 -5.47 23.37
N ASP A 82 -13.99 -4.68 23.25
CA ASP A 82 -14.04 -3.31 22.66
C ASP A 82 -13.06 -3.12 21.47
N SER A 83 -12.49 -4.25 21.04
CA SER A 83 -11.48 -4.12 19.97
C SER A 83 -11.35 -5.46 19.22
N PHE A 84 -10.64 -5.44 18.07
CA PHE A 84 -10.16 -6.68 17.47
C PHE A 84 -8.61 -6.64 17.46
N VAL A 85 -7.99 -7.80 17.51
CA VAL A 85 -6.52 -7.85 17.53
C VAL A 85 -6.16 -8.70 16.33
N LEU A 86 -5.32 -8.13 15.47
CA LEU A 86 -4.88 -8.85 14.27
C LEU A 86 -3.42 -9.28 14.41
N ILE A 87 -3.08 -10.53 14.10
CA ILE A 87 -1.67 -10.92 14.22
C ILE A 87 -1.18 -11.04 12.76
N LEU A 88 -0.20 -10.24 12.47
CA LEU A 88 0.31 -10.10 11.07
C LEU A 88 1.76 -10.52 11.00
N GLU A 89 2.20 -10.96 9.82
CA GLU A 89 3.64 -11.07 9.59
C GLU A 89 4.48 -9.83 9.84
N ARG A 90 5.69 -10.07 10.33
CA ARG A 90 6.63 -8.95 10.53
C ARG A 90 7.98 -9.32 9.97
N PRO A 91 8.33 -8.74 8.78
CA PRO A 91 9.73 -8.88 8.30
C PRO A 91 10.74 -8.34 9.31
N GLU A 92 11.96 -8.91 9.38
CA GLU A 92 12.98 -8.42 10.31
C GLU A 92 14.37 -8.61 9.70
N PRO A 93 15.17 -7.57 9.48
CA PRO A 93 14.94 -6.16 9.72
C PRO A 93 13.90 -5.58 8.68
N VAL A 94 13.19 -4.56 9.10
CA VAL A 94 12.14 -3.93 8.24
C VAL A 94 12.23 -2.42 8.36
N GLN A 95 11.83 -1.70 7.31
CA GLN A 95 11.56 -0.24 7.43
C GLN A 95 10.41 0.07 6.47
N ASP A 96 9.50 0.97 6.86
CA ASP A 96 8.50 1.33 5.84
C ASP A 96 9.06 2.31 4.83
N LEU A 97 8.42 2.41 3.66
CA LEU A 97 9.00 3.20 2.60
C LEU A 97 9.01 4.67 2.92
N PHE A 98 8.06 5.10 3.73
CA PHE A 98 8.06 6.51 4.18
C PHE A 98 9.35 6.85 4.93
N ASP A 99 9.72 6.01 5.88
CA ASP A 99 10.93 6.27 6.66
C ASP A 99 12.17 6.11 5.82
N PHE A 100 12.11 5.18 4.85
CA PHE A 100 13.25 4.95 3.97
C PHE A 100 13.51 6.22 3.14
N ILE A 101 12.42 6.74 2.53
CA ILE A 101 12.58 7.99 1.68
C ILE A 101 13.00 9.15 2.58
N THR A 102 12.49 9.19 3.80
CA THR A 102 12.88 10.29 4.73
C THR A 102 14.36 10.25 4.97
N GLU A 103 14.92 9.06 5.05
CA GLU A 103 16.34 8.96 5.35
C GLU A 103 17.26 9.15 4.13
N ARG A 104 16.89 8.61 2.98
CA ARG A 104 17.72 8.58 1.81
C ARG A 104 17.42 9.65 0.83
N GLY A 105 16.28 10.33 0.98
CA GLY A 105 15.84 11.29 -0.01
C GLY A 105 15.30 10.60 -1.29
N ALA A 106 15.28 11.34 -2.40
CA ALA A 106 14.72 10.83 -3.66
C ALA A 106 15.54 9.57 -4.01
N LEU A 107 14.84 8.52 -4.52
CA LEU A 107 15.49 7.27 -4.84
C LEU A 107 16.10 7.25 -6.24
N GLN A 108 17.25 6.58 -6.40
CA GLN A 108 17.82 6.35 -7.71
C GLN A 108 16.78 5.61 -8.62
N GLU A 109 16.73 5.97 -9.91
CA GLU A 109 15.61 5.36 -10.70
C GLU A 109 15.71 3.82 -10.71
N GLU A 110 16.89 3.18 -10.74
CA GLU A 110 16.88 1.68 -10.78
C GLU A 110 16.25 1.13 -9.53
N LEU A 111 16.46 1.80 -8.41
CA LEU A 111 15.82 1.40 -7.10
C LEU A 111 14.29 1.64 -7.11
N ALA A 112 13.90 2.83 -7.56
CA ALA A 112 12.46 3.15 -7.68
C ALA A 112 11.79 2.12 -8.63
N ARG A 113 12.46 1.73 -9.72
CA ARG A 113 11.80 0.85 -10.71
C ARG A 113 11.57 -0.50 -10.01
N SER A 114 12.57 -0.98 -9.25
CA SER A 114 12.41 -2.34 -8.63
C SER A 114 11.28 -2.26 -7.63
N PHE A 115 11.27 -1.17 -6.83
CA PHE A 115 10.20 -1.05 -5.80
C PHE A 115 8.80 -0.83 -6.41
N PHE A 116 8.72 0.01 -7.45
CA PHE A 116 7.42 0.29 -8.02
C PHE A 116 6.92 -1.01 -8.67
N TRP A 117 7.82 -1.74 -9.38
CA TRP A 117 7.36 -2.99 -10.01
C TRP A 117 6.79 -3.92 -8.99
N GLN A 118 7.46 -4.03 -7.81
CA GLN A 118 6.93 -4.98 -6.87
C GLN A 118 5.57 -4.51 -6.28
N VAL A 119 5.39 -3.17 -6.15
CA VAL A 119 4.09 -2.70 -5.72
C VAL A 119 3.06 -3.01 -6.78
N LEU A 120 3.39 -2.84 -8.07
CA LEU A 120 2.32 -3.20 -9.07
C LEU A 120 2.00 -4.69 -8.98
N GLU A 121 2.99 -5.57 -8.79
CA GLU A 121 2.66 -7.07 -8.73
C GLU A 121 1.69 -7.29 -7.51
N ALA A 122 1.98 -6.57 -6.39
CA ALA A 122 1.11 -6.78 -5.21
C ALA A 122 -0.31 -6.23 -5.41
N VAL A 123 -0.44 -5.07 -6.04
CA VAL A 123 -1.77 -4.53 -6.32
C VAL A 123 -2.50 -5.43 -7.31
N ARG A 124 -1.75 -5.98 -8.31
CA ARG A 124 -2.44 -6.90 -9.26
C ARG A 124 -2.88 -8.15 -8.57
N HIS A 125 -2.12 -8.57 -7.58
CA HIS A 125 -2.59 -9.76 -6.88
C HIS A 125 -3.85 -9.45 -6.02
N CYS A 126 -3.87 -8.28 -5.38
CA CYS A 126 -5.12 -7.88 -4.64
C CYS A 126 -6.32 -7.82 -5.59
N HIS A 127 -6.12 -7.19 -6.76
CA HIS A 127 -7.28 -7.07 -7.68
C HIS A 127 -7.72 -8.40 -8.19
N ASN A 128 -6.75 -9.26 -8.46
CA ASN A 128 -7.16 -10.61 -8.89
C ASN A 128 -7.89 -11.37 -7.86
N CYS A 129 -7.65 -11.13 -6.59
CA CYS A 129 -8.38 -11.72 -5.51
C CYS A 129 -9.67 -11.00 -5.17
N GLY A 130 -10.04 -9.96 -5.93
CA GLY A 130 -11.28 -9.20 -5.70
C GLY A 130 -11.20 -8.16 -4.61
N VAL A 131 -9.98 -7.61 -4.30
CA VAL A 131 -9.76 -6.66 -3.23
C VAL A 131 -9.14 -5.36 -3.78
N LEU A 132 -9.71 -4.25 -3.31
CA LEU A 132 -9.13 -2.90 -3.70
C LEU A 132 -8.57 -2.36 -2.38
N HIS A 133 -7.29 -1.96 -2.40
CA HIS A 133 -6.71 -1.45 -1.11
C HIS A 133 -7.18 -0.06 -0.69
N ARG A 134 -7.25 0.86 -1.69
CA ARG A 134 -7.73 2.22 -1.53
C ARG A 134 -6.86 3.14 -0.65
N ASP A 135 -5.64 2.70 -0.27
CA ASP A 135 -4.78 3.59 0.51
C ASP A 135 -3.33 3.31 0.19
N ILE A 136 -3.05 3.09 -1.13
CA ILE A 136 -1.64 2.82 -1.48
C ILE A 136 -0.84 4.12 -1.28
N LYS A 137 0.26 4.00 -0.51
CA LYS A 137 1.11 5.17 -0.14
C LYS A 137 2.34 4.67 0.55
N ASP A 138 3.40 5.49 0.61
CA ASP A 138 4.66 4.94 1.14
C ASP A 138 4.57 4.47 2.58
N GLU A 139 3.69 5.08 3.38
CA GLU A 139 3.52 4.58 4.82
C GLU A 139 2.92 3.17 4.85
N ASN A 140 2.24 2.72 3.76
CA ASN A 140 1.60 1.41 3.78
C ASN A 140 2.40 0.44 2.95
N ILE A 141 3.74 0.62 2.85
CA ILE A 141 4.60 -0.36 2.09
C ILE A 141 5.77 -0.64 3.09
N LEU A 142 5.98 -1.91 3.37
CA LEU A 142 7.14 -2.25 4.25
C LEU A 142 8.23 -2.83 3.35
N ILE A 143 9.49 -2.57 3.72
CA ILE A 143 10.63 -3.17 2.90
C ILE A 143 11.35 -4.20 3.79
N ASP A 144 11.33 -5.45 3.35
CA ASP A 144 12.20 -6.49 4.01
C ASP A 144 13.61 -6.13 3.53
N LEU A 145 14.40 -5.56 4.45
CA LEU A 145 15.68 -5.01 4.10
C LEU A 145 16.74 -6.08 3.67
N ASN A 146 16.66 -7.30 4.16
CA ASN A 146 17.64 -8.38 3.81
C ASN A 146 17.35 -8.91 2.43
N ARG A 147 16.05 -9.03 2.12
CA ARG A 147 15.66 -9.65 0.81
C ARG A 147 15.26 -8.71 -0.32
N GLY A 148 15.08 -7.46 0.00
CA GLY A 148 14.73 -6.42 -1.06
C GLY A 148 13.27 -6.58 -1.43
N GLU A 149 12.48 -7.23 -0.60
CA GLU A 149 11.05 -7.51 -0.99
C GLU A 149 10.18 -6.49 -0.28
N LEU A 150 9.21 -5.93 -1.08
CA LEU A 150 8.24 -4.98 -0.48
C LEU A 150 6.91 -5.72 -0.15
N LYS A 151 6.14 -5.23 0.86
CA LYS A 151 4.88 -5.90 1.28
C LYS A 151 3.91 -4.80 1.46
N LEU A 152 2.70 -4.93 0.91
CA LEU A 152 1.63 -3.92 1.16
C LEU A 152 0.94 -4.25 2.54
N ILE A 153 0.67 -3.20 3.31
CA ILE A 153 -0.04 -3.37 4.61
C ILE A 153 -1.23 -2.42 4.63
N ASP A 154 -2.07 -2.67 5.65
CA ASP A 154 -3.14 -1.85 6.08
C ASP A 154 -4.31 -1.81 5.07
N PHE A 155 -5.16 -2.82 5.15
CA PHE A 155 -6.39 -2.88 4.30
C PHE A 155 -7.61 -2.31 4.98
N GLY A 156 -7.37 -1.53 6.04
CA GLY A 156 -8.46 -0.91 6.83
C GLY A 156 -9.29 0.12 6.12
N SER A 157 -8.81 0.65 4.95
CA SER A 157 -9.66 1.56 4.12
C SER A 157 -10.11 0.84 2.85
N GLY A 158 -9.88 -0.43 2.74
CA GLY A 158 -10.07 -1.14 1.44
C GLY A 158 -11.54 -1.52 1.29
N ALA A 159 -11.81 -2.17 0.17
CA ALA A 159 -13.21 -2.67 -0.19
C ALA A 159 -13.15 -3.82 -1.09
N LEU A 160 -14.25 -4.58 -1.21
CA LEU A 160 -14.24 -5.57 -2.26
C LEU A 160 -14.27 -4.75 -3.62
N LEU A 161 -13.55 -5.31 -4.56
CA LEU A 161 -13.46 -4.66 -5.93
C LEU A 161 -14.80 -4.91 -6.62
N LYS A 162 -15.26 -3.86 -7.28
CA LYS A 162 -16.53 -3.96 -8.05
C LYS A 162 -16.32 -3.07 -9.30
N ASP A 163 -17.26 -3.26 -10.27
CA ASP A 163 -17.10 -2.54 -11.56
C ASP A 163 -18.05 -1.31 -11.63
N THR A 164 -18.81 -1.06 -10.57
CA THR A 164 -19.65 0.14 -10.54
C THR A 164 -18.94 1.21 -9.72
N VAL A 165 -19.58 2.38 -9.59
CA VAL A 165 -18.87 3.53 -8.97
C VAL A 165 -18.82 3.41 -7.44
N TYR A 166 -17.70 3.90 -6.89
CA TYR A 166 -17.57 4.10 -5.43
C TYR A 166 -17.87 5.54 -5.07
N THR A 167 -18.59 5.73 -3.96
CA THR A 167 -18.97 7.09 -3.59
C THR A 167 -18.60 7.30 -2.09
N ASP A 168 -17.82 6.40 -1.53
CA ASP A 168 -17.27 6.63 -0.20
C ASP A 168 -15.77 6.53 -0.34
N PHE A 169 -15.04 7.19 0.59
CA PHE A 169 -13.62 7.03 0.58
C PHE A 169 -13.08 7.56 1.91
N ASP A 170 -12.14 6.81 2.46
CA ASP A 170 -11.54 7.19 3.75
C ASP A 170 -10.09 6.74 3.76
N GLY A 171 -9.48 6.75 2.57
CA GLY A 171 -8.04 6.63 2.49
C GLY A 171 -7.43 8.03 2.61
N THR A 172 -6.26 8.23 2.04
CA THR A 172 -5.44 9.44 2.30
C THR A 172 -5.71 10.47 1.21
N ARG A 173 -6.19 11.66 1.59
CA ARG A 173 -6.73 12.55 0.62
C ARG A 173 -5.68 13.03 -0.47
N VAL A 174 -4.40 13.21 -0.07
CA VAL A 174 -3.36 13.69 -1.03
C VAL A 174 -2.96 12.61 -2.02
N TYR A 175 -3.55 11.40 -1.86
CA TYR A 175 -3.27 10.31 -2.89
C TYR A 175 -4.55 10.07 -3.70
N SER A 176 -5.63 10.80 -3.38
CA SER A 176 -6.95 10.51 -3.90
C SER A 176 -7.10 11.34 -5.20
N PRO A 177 -7.88 10.84 -6.14
CA PRO A 177 -7.93 11.41 -7.51
C PRO A 177 -8.85 12.61 -7.69
N PRO A 178 -8.68 13.34 -8.78
CA PRO A 178 -9.44 14.58 -8.98
C PRO A 178 -10.95 14.32 -9.02
N GLU A 179 -11.36 13.15 -9.59
CA GLU A 179 -12.80 12.86 -9.61
C GLU A 179 -13.39 12.62 -8.21
N TRP A 180 -12.55 12.17 -7.25
CA TRP A 180 -13.05 12.05 -5.88
C TRP A 180 -13.19 13.44 -5.33
N ILE A 181 -12.12 14.23 -5.46
CA ILE A 181 -12.20 15.64 -4.90
C ILE A 181 -13.36 16.40 -5.50
N ARG A 182 -13.58 16.37 -6.81
CA ARG A 182 -14.61 17.19 -7.44
C ARG A 182 -16.02 16.60 -7.33
N TYR A 183 -16.17 15.27 -7.47
CA TYR A 183 -17.49 14.64 -7.62
C TYR A 183 -17.89 13.64 -6.56
N HIS A 184 -16.99 13.33 -5.66
CA HIS A 184 -17.11 12.20 -4.70
C HIS A 184 -17.50 10.93 -5.42
N ARG A 185 -16.84 10.66 -6.59
CA ARG A 185 -17.18 9.43 -7.39
C ARG A 185 -15.84 8.91 -7.99
N TYR A 186 -15.55 7.60 -7.89
CA TYR A 186 -14.37 7.15 -8.68
C TYR A 186 -14.66 5.65 -8.98
N HIS A 187 -13.88 5.11 -9.93
CA HIS A 187 -13.87 3.66 -10.09
C HIS A 187 -12.56 3.11 -9.61
N GLY A 188 -12.65 1.83 -9.24
CA GLY A 188 -11.48 1.28 -8.42
C GLY A 188 -10.13 1.25 -9.12
N ARG A 189 -10.04 0.73 -10.37
CA ARG A 189 -8.70 0.54 -10.95
C ARG A 189 -8.09 1.91 -11.31
N SER A 190 -8.89 2.79 -11.93
CA SER A 190 -8.31 4.10 -12.24
C SER A 190 -7.94 4.95 -11.04
N ALA A 191 -8.67 4.85 -9.96
CA ALA A 191 -8.29 5.55 -8.69
C ALA A 191 -6.97 4.93 -8.14
N ALA A 192 -6.88 3.61 -8.30
CA ALA A 192 -5.61 2.92 -7.86
C ALA A 192 -4.45 3.37 -8.67
N VAL A 193 -4.62 3.51 -9.99
CA VAL A 193 -3.51 3.98 -10.84
C VAL A 193 -3.14 5.42 -10.54
N TRP A 194 -4.08 6.30 -10.27
CA TRP A 194 -3.73 7.67 -9.83
C TRP A 194 -2.88 7.57 -8.59
N SER A 195 -3.29 6.77 -7.60
CA SER A 195 -2.38 6.70 -6.36
C SER A 195 -0.99 6.16 -6.71
N LEU A 196 -0.91 5.22 -7.66
CA LEU A 196 0.42 4.75 -8.09
C LEU A 196 1.26 5.80 -8.71
N GLY A 197 0.62 6.69 -9.41
CA GLY A 197 1.33 7.90 -9.99
C GLY A 197 1.89 8.81 -8.85
N ILE A 198 1.08 9.00 -7.84
CA ILE A 198 1.57 9.80 -6.68
C ILE A 198 2.74 9.08 -6.06
N LEU A 199 2.56 7.77 -5.87
CA LEU A 199 3.68 7.02 -5.23
C LEU A 199 4.97 7.05 -6.04
N LEU A 200 4.88 6.91 -7.36
CA LEU A 200 6.09 6.90 -8.21
C LEU A 200 6.76 8.27 -8.14
N TYR A 201 5.99 9.35 -8.23
CA TYR A 201 6.55 10.69 -8.01
C TYR A 201 7.21 10.75 -6.65
N ASP A 202 6.54 10.26 -5.60
CA ASP A 202 7.19 10.37 -4.25
C ASP A 202 8.53 9.57 -4.26
N MET A 203 8.61 8.37 -4.91
CA MET A 203 9.85 7.64 -4.88
C MET A 203 10.98 8.45 -5.57
N VAL A 204 10.71 9.03 -6.75
CA VAL A 204 11.81 9.59 -7.48
C VAL A 204 12.04 11.08 -7.19
N CYS A 205 11.15 11.70 -6.43
CA CYS A 205 11.35 13.13 -6.08
C CYS A 205 11.56 13.25 -4.58
N GLY A 206 11.18 12.25 -3.78
CA GLY A 206 11.33 12.36 -2.30
C GLY A 206 10.21 13.07 -1.60
N ASP A 207 9.12 13.45 -2.28
CA ASP A 207 7.92 14.07 -1.65
C ASP A 207 6.77 13.94 -2.63
N ILE A 208 5.51 14.01 -2.15
CA ILE A 208 4.38 13.91 -3.06
C ILE A 208 4.22 15.18 -3.88
N PRO A 209 3.54 15.11 -5.04
CA PRO A 209 3.49 16.24 -5.95
C PRO A 209 2.46 17.30 -5.55
N PHE A 210 1.38 16.92 -4.82
CA PHE A 210 0.22 17.80 -4.56
C PHE A 210 -0.01 17.87 -3.06
N GLU A 211 -0.26 19.07 -2.57
CA GLU A 211 -0.78 19.14 -1.14
C GLU A 211 -2.20 19.62 -1.06
N HIS A 212 -2.65 20.45 -1.99
CA HIS A 212 -3.95 21.10 -1.89
C HIS A 212 -4.93 20.54 -2.92
N ASP A 213 -6.22 20.55 -2.56
CA ASP A 213 -7.27 20.16 -3.51
C ASP A 213 -7.12 20.86 -4.85
N GLU A 214 -6.85 22.20 -4.88
CA GLU A 214 -6.77 22.85 -6.20
C GLU A 214 -5.59 22.29 -7.07
N GLU A 215 -4.51 21.82 -6.44
CA GLU A 215 -3.34 21.27 -7.21
C GLU A 215 -3.71 19.89 -7.80
N ILE A 216 -4.47 19.17 -7.02
CA ILE A 216 -4.91 17.78 -7.48
C ILE A 216 -5.80 18.00 -8.69
N ILE A 217 -6.81 18.91 -8.62
CA ILE A 217 -7.72 19.12 -9.73
C ILE A 217 -7.08 19.63 -10.95
N ARG A 218 -6.00 20.45 -10.76
CA ARG A 218 -5.34 20.98 -11.99
C ARG A 218 -4.41 19.91 -12.65
N GLY A 219 -3.82 19.09 -11.79
CA GLY A 219 -3.11 17.83 -12.18
C GLY A 219 -1.79 18.17 -12.92
N GLN A 220 -1.27 19.38 -12.77
CA GLN A 220 0.04 19.73 -13.36
C GLN A 220 1.15 19.34 -12.42
N VAL A 221 2.11 18.55 -12.97
CA VAL A 221 3.17 17.95 -12.21
C VAL A 221 4.45 18.75 -12.59
N PHE A 222 5.16 19.20 -11.59
CA PHE A 222 6.54 19.82 -11.81
C PHE A 222 7.56 18.98 -11.09
N PHE A 223 8.76 18.90 -11.64
CA PHE A 223 9.88 18.10 -10.97
C PHE A 223 10.93 19.03 -10.48
N ARG A 224 11.30 18.87 -9.16
CA ARG A 224 12.33 19.57 -8.49
C ARG A 224 13.65 18.85 -8.58
N GLN A 225 13.60 17.56 -9.00
CA GLN A 225 14.77 16.68 -9.05
C GLN A 225 14.90 16.20 -10.52
N ARG A 226 16.15 15.85 -10.91
CA ARG A 226 16.34 15.32 -12.25
C ARG A 226 15.69 13.95 -12.34
N VAL A 227 14.82 13.77 -13.28
CA VAL A 227 14.05 12.47 -13.41
C VAL A 227 14.04 12.35 -14.95
N SER A 228 14.29 11.10 -15.40
CA SER A 228 14.35 10.83 -16.86
C SER A 228 13.06 11.09 -17.55
N SER A 229 13.13 11.39 -18.87
CA SER A 229 11.90 11.69 -19.58
C SER A 229 10.92 10.49 -19.60
N GLU A 230 11.48 9.25 -19.66
CA GLU A 230 10.54 8.10 -19.69
C GLU A 230 9.83 7.98 -18.32
N CYS A 231 10.51 8.23 -17.22
CA CYS A 231 9.85 8.14 -15.93
C CYS A 231 8.79 9.30 -15.78
N GLN A 232 9.17 10.53 -16.18
CA GLN A 232 8.17 11.60 -16.08
C GLN A 232 6.95 11.33 -16.99
N HIS A 233 7.16 10.66 -18.15
CA HIS A 233 5.98 10.29 -18.99
C HIS A 233 5.05 9.33 -18.27
N LEU A 234 5.68 8.33 -17.65
CA LEU A 234 4.83 7.26 -16.93
C LEU A 234 4.07 8.00 -15.82
N ILE A 235 4.75 8.85 -15.07
CA ILE A 235 4.03 9.51 -13.95
C ILE A 235 2.92 10.37 -14.49
N ARG A 236 3.19 11.14 -15.53
CA ARG A 236 2.08 11.97 -15.99
C ARG A 236 0.92 11.19 -16.63
N TRP A 237 1.22 10.00 -17.11
CA TRP A 237 0.16 9.11 -17.69
C TRP A 237 -0.72 8.60 -16.56
N CYS A 238 -0.10 8.14 -15.44
CA CYS A 238 -0.88 7.64 -14.36
C CYS A 238 -1.70 8.76 -13.68
N LEU A 239 -1.21 10.02 -13.79
CA LEU A 239 -1.93 11.18 -13.23
C LEU A 239 -2.73 11.93 -14.32
N ALA A 240 -3.14 11.20 -15.36
CA ALA A 240 -4.10 11.81 -16.31
C ALA A 240 -5.37 12.29 -15.58
N LEU A 241 -5.84 13.52 -15.94
CA LEU A 241 -7.05 13.99 -15.17
C LEU A 241 -8.30 13.13 -15.51
N ARG A 242 -8.47 12.69 -16.75
CA ARG A 242 -9.66 11.87 -17.11
C ARG A 242 -9.26 10.42 -16.69
N PRO A 243 -10.12 9.75 -15.90
CA PRO A 243 -9.83 8.37 -15.47
C PRO A 243 -9.56 7.46 -16.63
N SER A 244 -10.34 7.62 -17.73
CA SER A 244 -10.11 6.63 -18.82
C SER A 244 -8.84 6.88 -19.61
N ASP A 245 -8.15 7.98 -19.42
CA ASP A 245 -6.88 8.23 -20.07
C ASP A 245 -5.70 7.60 -19.26
N ARG A 246 -5.95 7.12 -18.05
CA ARG A 246 -4.80 6.49 -17.30
C ARG A 246 -4.53 5.06 -17.81
N PRO A 247 -3.30 4.62 -17.66
CA PRO A 247 -2.96 3.28 -18.10
C PRO A 247 -3.56 2.17 -17.27
N THR A 248 -3.73 0.99 -17.90
CA THR A 248 -4.04 -0.19 -17.13
C THR A 248 -2.79 -0.69 -16.43
N PHE A 249 -2.96 -1.72 -15.59
CA PHE A 249 -1.71 -2.24 -14.97
C PHE A 249 -0.80 -2.86 -16.00
N GLU A 250 -1.35 -3.57 -17.02
CA GLU A 250 -0.55 -4.06 -18.10
C GLU A 250 0.22 -2.96 -18.84
N GLU A 251 -0.48 -1.85 -19.15
CA GLU A 251 0.23 -0.74 -19.82
C GLU A 251 1.32 -0.15 -18.96
N ILE A 252 1.09 -0.09 -17.66
CA ILE A 252 2.23 0.46 -16.77
C ILE A 252 3.43 -0.55 -16.90
N GLN A 253 3.20 -1.86 -16.76
CA GLN A 253 4.35 -2.82 -16.66
C GLN A 253 4.97 -2.99 -18.05
N ASN A 254 4.25 -2.63 -19.12
CA ASN A 254 4.83 -2.61 -20.48
C ASN A 254 5.47 -1.31 -20.94
N HIS A 255 5.42 -0.27 -20.05
CA HIS A 255 5.98 1.02 -20.43
C HIS A 255 7.51 0.93 -20.51
N PRO A 256 8.17 1.71 -21.38
CA PRO A 256 9.61 1.66 -21.55
C PRO A 256 10.41 1.89 -20.24
N TRP A 257 9.86 2.73 -19.35
CA TRP A 257 10.59 2.89 -18.08
C TRP A 257 10.62 1.66 -17.20
N MET A 258 9.66 0.69 -17.41
CA MET A 258 9.58 -0.44 -16.55
C MET A 258 10.32 -1.63 -17.09
N GLN A 259 11.15 -1.42 -18.14
CA GLN A 259 11.90 -2.57 -18.74
C GLN A 259 13.18 -2.89 -17.90
N ASP A 260 13.60 -4.13 -17.90
CA ASP A 260 14.94 -4.41 -17.33
C ASP A 260 14.94 -4.29 -15.78
N VAL A 261 13.85 -4.59 -15.08
CA VAL A 261 13.82 -4.49 -13.57
C VAL A 261 14.73 -5.44 -12.88
N LEU A 262 15.34 -4.99 -11.79
CA LEU A 262 16.14 -5.88 -10.89
C LEU A 262 15.18 -6.80 -10.14
N LEU A 263 15.65 -8.02 -9.88
CA LEU A 263 14.80 -8.83 -8.96
C LEU A 263 15.06 -8.35 -7.49
N PRO A 264 14.17 -8.72 -6.55
CA PRO A 264 14.33 -8.15 -5.16
C PRO A 264 15.74 -8.45 -4.57
N GLN A 265 16.30 -9.69 -4.68
CA GLN A 265 17.58 -9.93 -3.95
C GLN A 265 18.75 -9.05 -4.56
N GLU A 266 18.72 -8.91 -5.85
CA GLU A 266 19.69 -8.11 -6.64
C GLU A 266 19.56 -6.64 -6.13
N THR A 267 18.31 -6.20 -5.98
CA THR A 267 18.07 -4.84 -5.44
C THR A 267 18.66 -4.68 -4.04
N ALA A 268 18.49 -5.71 -3.18
CA ALA A 268 18.99 -5.60 -1.79
C ALA A 268 20.55 -5.57 -1.88
N GLU A 269 21.12 -6.37 -2.73
CA GLU A 269 22.62 -6.42 -2.74
C GLU A 269 23.18 -5.05 -3.19
N ILE A 270 22.60 -4.48 -4.26
CA ILE A 270 23.08 -3.20 -4.81
C ILE A 270 22.74 -2.03 -3.95
N HIS A 271 21.50 -1.96 -3.42
CA HIS A 271 21.01 -0.72 -2.78
C HIS A 271 20.76 -0.73 -1.31
N LEU A 272 20.67 -1.89 -0.69
CA LEU A 272 20.19 -1.96 0.66
C LEU A 272 21.42 -2.37 1.53
N HIS A 273 21.66 -1.66 2.61
CA HIS A 273 23.08 -1.19 2.93
C HIS A 273 24.23 -2.05 2.43
CLAM WFY B . 2.89 -5.42 9.80
CAD WFY B . 2.35 -3.76 10.12
CAA WFY B . 0.96 -3.44 9.79
CAB WFY B . 0.45 -2.15 9.95
CAJ WFY B . -0.85 -1.70 9.60
OAL WFY B . -1.77 -2.47 9.20
NAK WFY B . -1.07 -0.36 9.60
NAC WFY B . 1.30 -1.20 10.46
CAF WFY B . 2.61 -1.61 10.81
CAE WFY B . 3.13 -2.77 10.62
CAI WFY B . 4.45 -2.61 11.08
CAN WFY B . 5.48 -3.64 11.12
CAH WFY B . 4.74 -1.35 11.49
NAG WFY B . 3.61 -0.74 11.33
CAO WFY B . 3.34 0.65 11.62
CAP WFY B . 3.80 1.01 13.15
CAQ WFY B . 4.01 1.64 10.66
FAV WFY B . 5.38 1.62 10.76
CAR WFY B . 3.56 3.02 10.81
CAT WFY B . 3.48 3.67 9.34
NAS WFY B . 3.88 2.51 8.49
CAU WFY B . 3.62 1.27 9.25
C1 GOL C . 8.64 1.63 10.04
O1 GOL C . 9.85 2.13 9.46
C2 GOL C . 8.98 0.63 11.09
O2 GOL C . 10.37 0.38 11.41
C3 GOL C . 8.25 1.02 12.36
O3 GOL C . 7.87 -0.33 12.34
#